data_2CE2
#
_entry.id   2CE2
#
_cell.length_a   49.000
_cell.length_b   53.900
_cell.length_c   116.200
_cell.angle_alpha   90.00
_cell.angle_beta   90.00
_cell.angle_gamma   90.00
#
_symmetry.space_group_name_H-M   'C 2 2 21'
#
loop_
_entity.id
_entity.type
_entity.pdbx_description
1 polymer 'GTPASE HRAS'
2 non-polymer 'MAGNESIUM ION'
3 non-polymer "GUANOSINE-5'-DIPHOSPHATE"
4 non-polymer "N,N'-DIMETHYL-N-(ACETYL)-N'-(7-NITROBENZ-2-OXA-1,3-DIAZOL-4-YL)ETHYLENEDIAMINE"
5 water water
#
_entity_poly.entity_id   1
_entity_poly.type   'polypeptide(L)'
_entity_poly.pdbx_seq_one_letter_code
;MTEYKLVVVGAGGVGKSALTIQLIQNHFVDECDPTIEDSYRKQVVIDGETCLLDILDTAGQEEYSAMRDQYMRTGEGFLC
VFAINNTKSFEDIHQYREQIKRVKDSDDVPMVLVGNKSDLAARTVESRQAQDLARSYGIPYIETSAKTRQGVEDAFYTLV
REIRQH
;
_entity_poly.pdbx_strand_id   X
#
loop_
_chem_comp.id
_chem_comp.type
_chem_comp.name
_chem_comp.formula
GDP RNA linking GUANOSINE-5'-DIPHOSPHATE 'C10 H15 N5 O11 P2'
MG non-polymer 'MAGNESIUM ION' 'Mg 2'
XY2 non-polymer N,N'-DIMETHYL-N-(ACETYL)-N'-(7-NITROBENZ-2-OXA-1,3-DIAZOL-4-YL)ETHYLENEDIAMINE 'C12 H15 N5 O4'
#
# COMPACT_ATOMS: atom_id res chain seq x y z
N MET A 1 22.16 7.36 -1.91
CA MET A 1 20.97 8.10 -2.42
C MET A 1 19.85 8.02 -1.39
N THR A 2 19.13 9.13 -1.15
CA THR A 2 17.94 9.10 -0.31
C THR A 2 17.07 7.93 -0.69
N GLU A 3 16.57 7.26 0.34
CA GLU A 3 15.63 6.17 0.20
C GLU A 3 14.39 6.41 1.08
N TYR A 4 13.32 5.72 0.70
CA TYR A 4 12.12 5.64 1.52
C TYR A 4 11.72 4.17 1.58
N LYS A 5 11.47 3.69 2.79
CA LYS A 5 11.07 2.31 3.01
C LYS A 5 9.55 2.28 3.12
N LEU A 6 8.92 1.68 2.11
CA LEU A 6 7.46 1.57 2.02
C LEU A 6 7.04 0.12 2.20
N VAL A 7 5.89 -0.07 2.84
CA VAL A 7 5.36 -1.40 3.05
C VAL A 7 3.93 -1.43 2.51
N VAL A 8 3.58 -2.51 1.82
CA VAL A 8 2.28 -2.63 1.17
C VAL A 8 1.54 -3.80 1.82
N VAL A 9 0.45 -3.51 2.53
CA VAL A 9 -0.33 -4.49 3.27
C VAL A 9 -1.80 -4.46 2.83
N GLY A 10 -2.49 -5.57 3.06
CA GLY A 10 -3.91 -5.70 2.72
C GLY A 10 -4.29 -7.14 2.44
N ALA A 11 -5.60 -7.38 2.38
CA ALA A 11 -6.11 -8.74 2.24
C ALA A 11 -5.53 -9.42 1.03
N GLY A 12 -5.65 -10.74 1.01
CA GLY A 12 -5.25 -11.49 -0.15
C GLY A 12 -6.04 -11.07 -1.37
N GLY A 13 -5.34 -10.91 -2.48
CA GLY A 13 -5.96 -10.63 -3.77
C GLY A 13 -6.38 -9.20 -4.03
N VAL A 14 -6.07 -8.28 -3.11
CA VAL A 14 -6.46 -6.89 -3.38
C VAL A 14 -5.65 -6.29 -4.56
N GLY A 15 -4.52 -6.88 -4.91
CA GLY A 15 -3.63 -6.35 -5.92
C GLY A 15 -2.36 -5.68 -5.40
N LYS A 16 -1.88 -6.07 -4.22
CA LYS A 16 -0.67 -5.48 -3.64
C LYS A 16 0.53 -5.69 -4.54
N SER A 17 0.66 -6.91 -5.02
CA SER A 17 1.74 -7.20 -5.94
C SER A 17 1.54 -6.46 -7.24
N ALA A 18 0.31 -6.43 -7.75
CA ALA A 18 0.07 -5.75 -9.02
C ALA A 18 0.44 -4.27 -8.94
N LEU A 19 0.14 -3.65 -7.82
CA LEU A 19 0.48 -2.24 -7.63
C LEU A 19 1.98 -2.04 -7.58
N THR A 20 2.64 -2.87 -6.80
CA THR A 20 4.10 -2.85 -6.68
C THR A 20 4.73 -2.95 -8.06
N ILE A 21 4.31 -3.97 -8.81
CA ILE A 21 4.90 -4.25 -10.10
C ILE A 21 4.54 -3.23 -11.16
N GLN A 22 3.42 -2.53 -11.04
CA GLN A 22 3.18 -1.39 -11.94
C GLN A 22 4.13 -0.24 -11.63
N LEU A 23 4.29 0.07 -10.35
CA LEU A 23 5.18 1.12 -9.96
C LEU A 23 6.60 0.80 -10.44
N ILE A 24 6.98 -0.46 -10.36
CA ILE A 24 8.38 -0.84 -10.63
C ILE A 24 8.66 -1.27 -12.07
N GLN A 25 7.83 -2.16 -12.60
CA GLN A 25 8.05 -2.72 -13.92
C GLN A 25 7.19 -2.07 -15.00
N ASN A 26 6.36 -1.08 -14.62
CA ASN A 26 5.52 -0.35 -15.59
C ASN A 26 4.65 -1.26 -16.43
N HIS A 27 4.22 -2.41 -15.90
CA HIS A 27 3.24 -3.22 -16.60
C HIS A 27 2.34 -3.93 -15.59
N PHE A 28 1.22 -4.43 -16.09
CA PHE A 28 0.25 -5.21 -15.32
C PHE A 28 0.54 -6.69 -15.41
N VAL A 29 0.44 -7.36 -14.28
CA VAL A 29 0.43 -8.82 -14.27
C VAL A 29 -0.99 -9.37 -14.02
N ASP A 30 -1.46 -10.21 -14.93
CA ASP A 30 -2.84 -10.72 -14.87
C ASP A 30 -3.00 -11.68 -13.70
N GLU A 31 -1.88 -12.02 -13.07
CA GLU A 31 -1.88 -12.83 -11.85
C GLU A 31 -0.45 -12.94 -11.31
N CYS A 32 -0.33 -13.53 -10.13
CA CYS A 32 0.92 -13.51 -9.37
C CYS A 32 0.91 -14.57 -8.32
N ASP A 33 2.09 -15.05 -7.94
CA ASP A 33 2.19 -15.99 -6.84
C ASP A 33 1.70 -15.33 -5.55
N PRO A 34 0.53 -15.78 -5.06
CA PRO A 34 -0.22 -15.15 -3.97
C PRO A 34 0.53 -15.18 -2.66
N THR A 35 1.60 -15.99 -2.64
CA THR A 35 2.26 -16.36 -1.39
C THR A 35 3.62 -15.69 -1.21
N ILE A 36 4.16 -15.10 -2.28
CA ILE A 36 5.53 -14.56 -2.26
C ILE A 36 5.59 -13.14 -1.69
N GLU A 37 6.60 -12.92 -0.84
CA GLU A 37 6.81 -11.66 -0.11
C GLU A 37 8.28 -11.25 -0.18
N ASP A 38 8.54 -10.07 -0.71
CA ASP A 38 9.91 -9.57 -0.74
C ASP A 38 9.95 -8.06 -0.87
N SER A 39 11.13 -7.50 -0.81
CA SER A 39 11.27 -6.08 -1.04
C SER A 39 12.01 -5.82 -2.34
N TYR A 40 11.60 -4.74 -3.00
CA TYR A 40 12.08 -4.38 -4.31
C TYR A 40 12.49 -2.95 -4.27
N ARG A 41 13.42 -2.58 -5.12
CA ARG A 41 13.87 -1.24 -5.02
C ARG A 41 13.61 -0.59 -6.35
N LYS A 42 13.31 0.70 -6.30
CA LYS A 42 12.87 1.42 -7.49
C LYS A 42 13.30 2.87 -7.43
N GLN A 43 14.04 3.31 -8.44
CA GLN A 43 14.42 4.72 -8.53
C GLN A 43 13.31 5.52 -9.20
N VAL A 44 12.98 6.63 -8.57
CA VAL A 44 11.95 7.54 -9.05
C VAL A 44 12.44 8.97 -8.75
N VAL A 45 11.94 9.98 -9.46
CA VAL A 45 12.09 11.37 -9.07
C VAL A 45 10.74 11.84 -8.57
N ILE A 46 10.69 12.26 -7.30
CA ILE A 46 9.45 12.68 -6.67
C ILE A 46 9.54 14.11 -6.22
N ASP A 47 8.62 14.93 -6.68
CA ASP A 47 8.72 16.33 -6.34
C ASP A 47 10.15 16.83 -6.54
N GLY A 48 10.78 16.32 -7.61
CA GLY A 48 12.10 16.77 -8.06
C GLY A 48 13.32 16.18 -7.38
N GLU A 49 13.05 15.32 -6.42
CA GLU A 49 14.09 14.65 -5.66
C GLU A 49 14.34 13.28 -6.25
N THR A 50 15.57 13.00 -6.66
CA THR A 50 15.98 11.68 -7.10
C THR A 50 16.09 10.84 -5.85
N CYS A 51 15.49 9.66 -5.84
CA CYS A 51 15.48 8.82 -4.65
C CYS A 51 15.18 7.37 -5.01
N LEU A 52 15.25 6.47 -4.02
CA LEU A 52 14.91 5.06 -4.19
C LEU A 52 13.72 4.77 -3.29
N LEU A 53 12.78 3.98 -3.79
CA LEU A 53 11.74 3.41 -2.94
C LEU A 53 12.10 1.94 -2.70
N ASP A 54 12.19 1.53 -1.45
CA ASP A 54 12.42 0.12 -1.07
C ASP A 54 11.13 -0.41 -0.48
N ILE A 55 10.42 -1.20 -1.31
CA ILE A 55 9.01 -1.56 -1.13
C ILE A 55 8.86 -3.03 -0.76
N LEU A 56 8.49 -3.32 0.49
CA LEU A 56 8.15 -4.69 0.83
C LEU A 56 6.71 -4.91 0.44
N ASP A 57 6.52 -5.85 -0.45
CA ASP A 57 5.21 -6.33 -0.87
C ASP A 57 4.94 -7.54 0.01
N THR A 58 4.02 -7.36 0.95
CA THR A 58 3.68 -8.42 1.91
C THR A 58 2.81 -9.51 1.34
N ALA A 59 2.94 -10.68 1.94
CA ALA A 59 1.99 -11.75 1.71
C ALA A 59 1.27 -12.12 3.01
N GLY A 60 0.33 -13.04 2.93
CA GLY A 60 -0.65 -13.16 3.99
C GLY A 60 -0.25 -14.28 4.90
N GLN A 61 0.98 -14.75 4.72
CA GLN A 61 1.35 -16.09 5.15
C GLN A 61 1.49 -16.27 6.67
N GLU A 62 1.20 -17.50 7.09
CA GLU A 62 1.17 -17.85 8.52
C GLU A 62 2.43 -17.35 9.19
N GLU A 63 2.23 -16.53 10.22
CA GLU A 63 3.18 -15.49 10.57
C GLU A 63 4.66 -15.78 10.34
N TYR A 64 5.38 -15.99 11.43
CA TYR A 64 6.65 -15.31 11.58
C TYR A 64 7.65 -15.32 10.43
N SER A 65 8.04 -14.10 10.08
CA SER A 65 9.16 -13.83 9.20
C SER A 65 9.98 -12.69 9.79
N ALA A 66 11.26 -12.92 9.95
CA ALA A 66 12.16 -11.92 10.53
C ALA A 66 12.28 -10.70 9.62
N MET A 67 12.36 -10.96 8.32
CA MET A 67 12.41 -9.91 7.35
C MET A 67 11.15 -9.08 7.47
N ARG A 68 9.99 -9.74 7.46
CA ARG A 68 8.74 -9.02 7.58
C ARG A 68 8.74 -8.14 8.85
N ASP A 69 9.20 -8.72 9.96
CA ASP A 69 9.26 -7.99 11.23
C ASP A 69 10.15 -6.74 11.10
N GLN A 70 11.30 -6.91 10.46
CA GLN A 70 12.24 -5.79 10.27
C GLN A 70 11.64 -4.61 9.48
N TYR A 71 10.85 -4.92 8.44
CA TYR A 71 10.18 -3.88 7.64
C TYR A 71 9.01 -3.29 8.40
N MET A 72 8.26 -4.10 9.13
CA MET A 72 7.12 -3.56 9.85
C MET A 72 7.64 -2.56 10.93
N ARG A 73 8.87 -2.77 11.42
CA ARG A 73 9.45 -1.91 12.48
C ARG A 73 10.24 -0.69 11.99
N THR A 74 11.01 -0.85 10.91
CA THR A 74 11.80 0.26 10.37
C THR A 74 11.16 0.92 9.14
N GLY A 75 10.02 0.39 8.70
CA GLY A 75 9.32 0.97 7.57
C GLY A 75 8.76 2.34 7.91
N GLU A 76 8.98 3.27 6.98
CA GLU A 76 8.62 4.65 7.17
C GLU A 76 7.19 4.98 6.77
N GLY A 77 6.64 4.27 5.78
CA GLY A 77 5.28 4.48 5.36
C GLY A 77 4.62 3.19 4.89
N PHE A 78 3.29 3.10 5.11
CA PHE A 78 2.49 1.92 4.75
C PHE A 78 1.35 2.27 3.80
N LEU A 79 1.28 1.50 2.71
CA LEU A 79 0.09 1.47 1.84
C LEU A 79 -0.86 0.40 2.28
N CYS A 80 -2.06 0.81 2.66
CA CYS A 80 -3.08 -0.12 3.22
C CYS A 80 -4.13 -0.28 2.15
N VAL A 81 -4.22 -1.47 1.60
CA VAL A 81 -4.92 -1.66 0.33
C VAL A 81 -6.12 -2.56 0.50
N PHE A 82 -7.24 -2.12 -0.06
CA PHE A 82 -8.40 -2.97 -0.26
C PHE A 82 -8.79 -2.92 -1.75
N ALA A 83 -9.60 -3.88 -2.21
CA ALA A 83 -10.13 -3.76 -3.56
C ALA A 83 -11.58 -3.25 -3.50
N ILE A 84 -11.88 -2.30 -4.36
CA ILE A 84 -13.16 -1.60 -4.34
C ILE A 84 -14.33 -2.53 -4.72
N ASN A 85 -14.05 -3.68 -5.35
CA ASN A 85 -15.08 -4.70 -5.63
C ASN A 85 -15.07 -5.84 -4.62
N ASN A 86 -14.50 -5.64 -3.44
CA ASN A 86 -14.50 -6.71 -2.44
C ASN A 86 -14.69 -6.12 -1.05
N THR A 87 -15.92 -6.22 -0.53
CA THR A 87 -16.24 -5.63 0.75
C THR A 87 -15.46 -6.27 1.93
N LYS A 88 -15.22 -7.56 1.90
CA LYS A 88 -14.41 -8.16 2.96
C LYS A 88 -13.02 -7.51 3.04
N SER A 89 -12.40 -7.26 1.88
CA SER A 89 -11.07 -6.70 1.90
C SER A 89 -11.06 -5.34 2.58
N PHE A 90 -12.11 -4.54 2.38
CA PHE A 90 -12.27 -3.23 3.00
C PHE A 90 -12.49 -3.34 4.50
N GLU A 91 -13.36 -4.28 4.93
CA GLU A 91 -13.55 -4.55 6.35
C GLU A 91 -12.24 -4.95 7.05
N ASP A 92 -11.39 -5.71 6.35
CA ASP A 92 -10.09 -6.11 6.91
C ASP A 92 -9.20 -4.94 7.25
N ILE A 93 -9.30 -3.84 6.52
CA ILE A 93 -8.34 -2.78 6.67
C ILE A 93 -8.00 -2.48 8.12
N HIS A 94 -8.98 -2.39 9.00
CA HIS A 94 -8.68 -1.97 10.36
C HIS A 94 -7.74 -2.94 11.07
N GLN A 95 -7.74 -4.23 10.70
CA GLN A 95 -6.78 -5.17 11.27
C GLN A 95 -5.34 -4.84 10.87
N TYR A 96 -5.16 -4.48 9.60
CA TYR A 96 -3.85 -4.13 9.10
C TYR A 96 -3.35 -2.85 9.72
N ARG A 97 -4.19 -1.83 9.79
CA ARG A 97 -3.72 -0.58 10.37
C ARG A 97 -3.36 -0.78 11.83
N GLU A 98 -4.24 -1.47 12.58
CA GLU A 98 -4.03 -1.74 14.01
C GLU A 98 -2.73 -2.48 14.23
N GLN A 99 -2.36 -3.41 13.36
CA GLN A 99 -1.10 -4.09 13.52
C GLN A 99 0.06 -3.15 13.23
N ILE A 100 -0.11 -2.25 12.28
CA ILE A 100 0.88 -1.23 12.04
C ILE A 100 1.01 -0.24 13.21
N LYS A 101 -0.11 0.21 13.76
CA LYS A 101 -0.05 1.07 14.96
C LYS A 101 0.73 0.38 16.10
N ARG A 102 0.56 -0.93 16.25
CA ARG A 102 1.25 -1.68 17.30
C ARG A 102 2.75 -1.73 17.05
N VAL A 103 3.14 -2.11 15.83
CA VAL A 103 4.57 -2.29 15.54
C VAL A 103 5.30 -0.95 15.52
N LYS A 104 4.60 0.13 15.19
CA LYS A 104 5.22 1.44 15.15
C LYS A 104 5.00 2.19 16.49
N ASP A 105 4.22 1.60 17.39
CA ASP A 105 3.82 2.24 18.65
C ASP A 105 3.37 3.69 18.48
N SER A 106 2.46 3.89 17.54
CA SER A 106 2.00 5.23 17.25
C SER A 106 0.66 5.22 16.51
N ASP A 107 -0.13 6.24 16.82
CA ASP A 107 -1.37 6.53 16.11
C ASP A 107 -1.10 7.37 14.86
N ASP A 108 0.13 7.86 14.73
CA ASP A 108 0.48 8.76 13.66
C ASP A 108 1.60 8.11 12.87
N VAL A 109 1.21 7.24 11.95
CA VAL A 109 2.13 6.52 11.09
C VAL A 109 1.92 6.99 9.65
N PRO A 110 2.97 7.36 8.92
CA PRO A 110 2.66 7.69 7.55
C PRO A 110 1.96 6.52 6.85
N MET A 111 0.73 6.77 6.46
CA MET A 111 -0.06 5.76 5.79
C MET A 111 -0.89 6.42 4.71
N VAL A 112 -1.33 5.57 3.79
CA VAL A 112 -2.28 5.96 2.77
C VAL A 112 -3.21 4.78 2.62
N LEU A 113 -4.49 5.10 2.44
CA LEU A 113 -5.50 4.10 2.17
C LEU A 113 -5.65 4.02 0.65
N VAL A 114 -5.60 2.82 0.08
CA VAL A 114 -5.69 2.63 -1.35
C VAL A 114 -6.87 1.74 -1.66
N GLY A 115 -7.75 2.22 -2.55
CA GLY A 115 -8.83 1.41 -3.10
C GLY A 115 -8.45 1.02 -4.51
N ASN A 116 -8.04 -0.23 -4.69
CA ASN A 116 -7.55 -0.69 -5.96
C ASN A 116 -8.65 -1.35 -6.82
N LYS A 117 -8.34 -1.46 -8.11
CA LYS A 117 -9.22 -2.01 -9.15
C LYS A 117 -10.28 -1.02 -9.57
N SER A 118 -9.88 0.25 -9.60
CA SER A 118 -10.78 1.32 -9.97
C SER A 118 -11.26 1.19 -11.41
N ASP A 119 -10.61 0.35 -12.20
CA ASP A 119 -11.03 0.12 -13.59
C ASP A 119 -12.31 -0.71 -13.66
N LEU A 120 -12.65 -1.43 -12.60
CA LEU A 120 -13.73 -2.41 -12.70
C LEU A 120 -15.07 -1.76 -12.74
N ALA A 121 -16.00 -2.34 -13.47
CA ALA A 121 -17.37 -1.92 -13.32
C ALA A 121 -18.00 -2.83 -12.27
N ALA A 122 -17.28 -3.08 -11.18
CA ALA A 122 -17.69 -4.08 -10.17
C ALA A 122 -17.81 -3.53 -8.75
N ARG A 123 -17.83 -2.20 -8.60
CA ARG A 123 -17.66 -1.59 -7.28
C ARG A 123 -18.70 -2.06 -6.30
N THR A 124 -18.23 -2.44 -5.11
CA THR A 124 -19.07 -2.71 -3.98
C THR A 124 -18.75 -1.81 -2.80
N VAL A 125 -17.56 -1.23 -2.74
CA VAL A 125 -17.21 -0.31 -1.65
C VAL A 125 -17.24 1.06 -2.26
N GLU A 126 -18.07 1.94 -1.71
CA GLU A 126 -18.24 3.25 -2.29
C GLU A 126 -17.16 4.22 -1.84
N SER A 127 -16.79 5.11 -2.75
CA SER A 127 -15.65 6.01 -2.51
C SER A 127 -15.78 6.83 -1.26
N ARG A 128 -16.96 7.36 -1.05
CA ARG A 128 -17.19 8.17 0.13
C ARG A 128 -16.99 7.37 1.42
N GLN A 129 -17.32 6.08 1.38
CA GLN A 129 -17.09 5.17 2.53
C GLN A 129 -15.61 5.18 2.89
N ALA A 130 -14.77 5.00 1.88
CA ALA A 130 -13.33 4.97 2.09
C ALA A 130 -12.79 6.35 2.43
N GLN A 131 -13.35 7.37 1.82
CA GLN A 131 -12.95 8.71 2.20
C GLN A 131 -13.12 8.81 3.71
N ASP A 132 -14.25 8.33 4.23
CA ASP A 132 -14.59 8.47 5.65
C ASP A 132 -13.76 7.56 6.56
N LEU A 133 -13.47 6.34 6.13
CA LEU A 133 -12.55 5.50 6.92
C LEU A 133 -11.20 6.20 7.01
N ALA A 134 -10.71 6.72 5.88
CA ALA A 134 -9.43 7.42 5.86
C ALA A 134 -9.43 8.70 6.73
N ARG A 135 -10.41 9.60 6.54
CA ARG A 135 -10.53 10.90 7.29
C ARG A 135 -10.52 10.69 8.78
N SER A 136 -11.29 9.70 9.21
CA SER A 136 -11.28 9.30 10.62
C SER A 136 -9.89 8.87 11.07
N TYR A 137 -9.06 8.38 10.15
CA TYR A 137 -7.71 7.93 10.48
C TYR A 137 -6.73 9.11 10.38
N GLY A 138 -7.15 10.18 9.72
CA GLY A 138 -6.32 11.33 9.42
C GLY A 138 -5.34 11.10 8.29
N ILE A 139 -5.66 10.17 7.37
CA ILE A 139 -4.75 9.85 6.28
C ILE A 139 -5.46 9.99 4.97
N PRO A 140 -4.69 10.13 3.88
CA PRO A 140 -5.26 10.25 2.56
C PRO A 140 -5.82 8.95 2.02
N TYR A 141 -6.85 9.11 1.19
CA TYR A 141 -7.40 8.05 0.37
C TYR A 141 -7.05 8.28 -1.11
N ILE A 142 -6.68 7.21 -1.80
CA ILE A 142 -6.42 7.28 -3.22
C ILE A 142 -6.88 6.00 -3.88
N GLU A 143 -7.69 6.17 -4.94
CA GLU A 143 -8.15 5.06 -5.77
C GLU A 143 -7.23 4.80 -6.96
N THR A 144 -6.91 3.51 -7.13
CA THR A 144 -5.94 3.07 -8.13
C THR A 144 -6.44 1.94 -8.99
N SER A 145 -5.86 1.84 -10.18
CA SER A 145 -5.90 0.58 -10.91
C SER A 145 -4.52 0.14 -11.33
N ALA A 146 -4.12 -1.07 -10.95
CA ALA A 146 -2.88 -1.69 -11.44
C ALA A 146 -2.96 -1.97 -12.94
N LYS A 147 -4.18 -2.18 -13.43
CA LYS A 147 -4.39 -2.51 -14.83
C LYS A 147 -4.08 -1.32 -15.72
N THR A 148 -4.42 -0.12 -15.27
CA THR A 148 -4.29 1.04 -16.16
C THR A 148 -3.33 2.11 -15.65
N ARG A 149 -2.79 1.89 -14.44
CA ARG A 149 -1.86 2.79 -13.72
C ARG A 149 -2.57 4.02 -13.14
N GLN A 150 -3.86 4.14 -13.31
CA GLN A 150 -4.51 5.33 -12.77
C GLN A 150 -4.29 5.36 -11.24
N GLY A 151 -3.88 6.52 -10.73
CA GLY A 151 -3.69 6.71 -9.30
C GLY A 151 -2.44 6.12 -8.68
N VAL A 152 -1.70 5.27 -9.40
CA VAL A 152 -0.63 4.48 -8.80
C VAL A 152 0.57 5.31 -8.35
N GLU A 153 1.23 6.00 -9.26
CA GLU A 153 2.24 6.91 -8.82
C GLU A 153 1.69 7.76 -7.68
N ASP A 154 0.45 8.23 -7.79
CA ASP A 154 -0.12 9.12 -6.74
C ASP A 154 -0.23 8.45 -5.36
N ALA A 155 -0.53 7.14 -5.34
CA ALA A 155 -0.61 6.42 -4.08
C ALA A 155 0.78 6.47 -3.44
N PHE A 156 1.75 6.04 -4.21
CA PHE A 156 3.10 5.90 -3.67
C PHE A 156 3.71 7.25 -3.31
N TYR A 157 3.51 8.23 -4.16
CA TYR A 157 4.19 9.48 -3.95
C TYR A 157 3.49 10.32 -2.86
N THR A 158 2.18 10.22 -2.73
CA THR A 158 1.54 10.80 -1.55
C THR A 158 2.11 10.17 -0.26
N LEU A 159 2.34 8.87 -0.27
CA LEU A 159 2.93 8.20 0.89
C LEU A 159 4.31 8.80 1.24
N VAL A 160 5.15 8.99 0.23
CA VAL A 160 6.46 9.62 0.45
C VAL A 160 6.29 11.01 1.06
N ARG A 161 5.33 11.77 0.56
CA ARG A 161 5.09 13.09 1.08
C ARG A 161 4.65 13.04 2.52
N GLU A 162 3.89 12.00 2.88
CA GLU A 162 3.55 11.78 4.28
C GLU A 162 4.73 11.34 5.17
N ILE A 163 5.65 10.54 4.62
CA ILE A 163 6.86 10.17 5.37
C ILE A 163 7.68 11.41 5.63
N ARG A 164 7.86 12.23 4.60
CA ARG A 164 8.71 13.41 4.70
C ARG A 164 8.25 14.40 5.78
N GLN A 165 6.95 14.67 5.85
CA GLN A 165 6.41 15.69 6.75
C GLN A 165 6.07 15.15 8.11
N HIS A 166 6.28 13.87 8.31
CA HIS A 166 5.97 13.23 9.58
C HIS A 166 6.64 13.97 10.71
MG MG B . 0.94 -10.63 -3.71
PB GDP C . -2.13 -9.57 -3.92
O1B GDP C . -2.65 -8.41 -3.07
O2B GDP C . -0.64 -9.48 -4.19
O3B GDP C . -2.56 -10.94 -3.39
O3A GDP C . -2.88 -9.36 -5.34
PA GDP C . -2.31 -9.70 -6.80
O1A GDP C . -1.85 -11.17 -6.69
O2A GDP C . -1.39 -8.65 -7.27
O5' GDP C . -3.63 -9.63 -7.68
C5' GDP C . -4.77 -10.41 -7.34
C4' GDP C . -5.69 -10.50 -8.56
O4' GDP C . -6.27 -9.21 -8.76
C3' GDP C . -4.99 -10.88 -9.86
O3' GDP C . -5.82 -11.65 -10.71
C2' GDP C . -4.75 -9.55 -10.54
O2' GDP C . -4.65 -9.61 -11.95
C1' GDP C . -5.98 -8.80 -10.10
N9 GDP C . -5.76 -7.37 -9.98
C8 GDP C . -4.85 -6.80 -9.17
N7 GDP C . -4.92 -5.47 -9.27
C5 GDP C . -5.92 -5.22 -10.18
C6 GDP C . -6.50 -4.03 -10.71
O6 GDP C . -6.14 -2.88 -10.38
N1 GDP C . -7.51 -4.22 -11.61
C2 GDP C . -7.97 -5.43 -12.02
N2 GDP C . -8.97 -5.46 -12.92
N3 GDP C . -7.49 -6.59 -11.54
C4 GDP C . -6.46 -6.47 -10.65
C1 XY2 D . 11.23 -7.78 -8.97
C2 XY2 D . 9.93 -7.29 -9.01
C3 XY2 D . 8.83 -8.19 -8.97
C19 XY2 D . 3.60 -12.51 -7.37
C17 XY2 D . 4.79 -12.79 -8.28
O18 XY2 D . 4.51 -13.14 -9.42
N15 XY2 D . 6.06 -12.64 -7.88
C16 XY2 D . 6.51 -12.24 -6.55
C14 XY2 D . 7.13 -12.92 -8.86
C13 XY2 D . 8.30 -11.94 -8.82
N11 XY2 D . 7.99 -10.49 -8.89
C12 XY2 D . 6.62 -9.98 -8.93
N5 XY2 D . 9.50 -6.00 -9.06
O6 XY2 D . 8.09 -6.10 -9.06
N7 XY2 D . 7.68 -7.45 -9.01
N8 XY2 D . 12.32 -6.89 -9.01
O10 XY2 D . 12.13 -5.70 -8.82
O9 XY2 D . 13.46 -7.28 -9.24
C21 XY2 D . 11.45 -9.16 -8.92
C20 XY2 D . 10.37 -10.04 -8.89
C4 XY2 D . 9.04 -9.58 -8.92
N MET A 1 21.91 6.65 -1.77
CA MET A 1 20.91 7.64 -2.21
C MET A 1 19.91 7.93 -1.10
N THR A 2 19.04 8.90 -1.36
CA THR A 2 17.87 9.12 -0.51
C THR A 2 16.90 7.96 -0.72
N GLU A 3 16.54 7.29 0.37
CA GLU A 3 15.72 6.08 0.30
C GLU A 3 14.50 6.19 1.19
N TYR A 4 13.32 5.87 0.64
CA TYR A 4 12.05 5.79 1.41
C TYR A 4 11.58 4.34 1.49
N LYS A 5 11.46 3.83 2.72
CA LYS A 5 11.21 2.42 3.00
C LYS A 5 9.72 2.21 3.23
N LEU A 6 9.09 1.52 2.30
CA LEU A 6 7.65 1.41 2.24
C LEU A 6 7.20 -0.03 2.40
N VAL A 7 5.99 -0.20 2.89
CA VAL A 7 5.40 -1.53 3.09
C VAL A 7 3.94 -1.55 2.62
N VAL A 8 3.62 -2.49 1.71
CA VAL A 8 2.28 -2.63 1.17
C VAL A 8 1.60 -3.79 1.89
N VAL A 9 0.45 -3.51 2.49
CA VAL A 9 -0.31 -4.48 3.27
C VAL A 9 -1.78 -4.47 2.79
N GLY A 10 -2.49 -5.48 3.29
CA GLY A 10 -3.90 -5.71 3.00
C GLY A 10 -4.18 -7.16 2.68
N ALA A 11 -5.45 -7.49 2.55
CA ALA A 11 -5.86 -8.87 2.30
C ALA A 11 -5.33 -9.46 1.00
N GLY A 12 -5.11 -10.76 1.03
CA GLY A 12 -4.74 -11.46 -0.17
C GLY A 12 -5.73 -11.18 -1.27
N GLY A 13 -5.23 -10.95 -2.48
CA GLY A 13 -6.06 -10.83 -3.66
C GLY A 13 -6.44 -9.44 -4.07
N VAL A 14 -6.00 -8.42 -3.31
CA VAL A 14 -6.50 -7.05 -3.55
C VAL A 14 -5.66 -6.23 -4.52
N GLY A 15 -4.45 -6.70 -4.80
CA GLY A 15 -3.56 -6.07 -5.75
C GLY A 15 -2.28 -5.46 -5.19
N LYS A 16 -1.85 -5.90 -4.01
CA LYS A 16 -0.52 -5.53 -3.51
C LYS A 16 0.58 -5.79 -4.55
N SER A 17 0.67 -7.03 -5.01
CA SER A 17 1.74 -7.38 -5.94
C SER A 17 1.56 -6.72 -7.30
N ALA A 18 0.34 -6.74 -7.82
CA ALA A 18 0.13 -6.10 -9.10
C ALA A 18 0.40 -4.60 -9.02
N LEU A 19 -0.01 -3.92 -7.95
CA LEU A 19 0.32 -2.51 -7.80
C LEU A 19 1.82 -2.27 -7.79
N THR A 20 2.55 -3.11 -7.06
CA THR A 20 3.98 -2.89 -6.89
C THR A 20 4.70 -3.18 -8.23
N ILE A 21 4.29 -4.25 -8.91
CA ILE A 21 4.83 -4.52 -10.25
C ILE A 21 4.51 -3.34 -11.18
N GLN A 22 3.25 -2.92 -11.22
CA GLN A 22 2.91 -1.82 -12.09
C GLN A 22 3.83 -0.64 -11.79
N LEU A 23 3.98 -0.21 -10.54
CA LEU A 23 4.83 0.94 -10.24
C LEU A 23 6.27 0.76 -10.71
N ILE A 24 6.88 -0.32 -10.28
CA ILE A 24 8.30 -0.50 -10.46
C ILE A 24 8.64 -0.89 -11.91
N GLN A 25 7.83 -1.77 -12.48
CA GLN A 25 8.10 -2.37 -13.78
C GLN A 25 7.26 -1.88 -14.94
N ASN A 26 6.10 -1.25 -14.68
CA ASN A 26 5.30 -0.59 -15.74
C ASN A 26 4.49 -1.54 -16.60
N HIS A 27 4.01 -2.61 -16.00
CA HIS A 27 3.12 -3.51 -16.69
C HIS A 27 2.21 -4.16 -15.67
N PHE A 28 1.09 -4.66 -16.16
CA PHE A 28 0.04 -5.26 -15.35
C PHE A 28 0.05 -6.74 -15.43
N VAL A 29 0.03 -7.41 -14.30
CA VAL A 29 0.00 -8.86 -14.28
C VAL A 29 -1.38 -9.42 -13.96
N ASP A 30 -1.76 -10.48 -14.69
CA ASP A 30 -3.00 -11.19 -14.44
C ASP A 30 -2.85 -12.13 -13.26
N GLU A 31 -1.62 -12.48 -12.94
CA GLU A 31 -1.41 -13.23 -11.73
C GLU A 31 0.05 -13.32 -11.36
N CYS A 32 0.22 -13.54 -10.07
CA CYS A 32 1.48 -13.48 -9.43
C CYS A 32 1.37 -14.29 -8.16
N ASP A 33 2.25 -15.28 -7.97
CA ASP A 33 2.19 -16.12 -6.77
C ASP A 33 1.71 -15.33 -5.56
N PRO A 34 0.54 -15.67 -5.01
CA PRO A 34 0.04 -14.90 -3.86
C PRO A 34 0.82 -15.02 -2.56
N THR A 35 1.77 -15.95 -2.48
CA THR A 35 2.53 -16.17 -1.24
C THR A 35 3.94 -15.58 -1.29
N ILE A 36 4.35 -15.02 -2.43
CA ILE A 36 5.67 -14.41 -2.53
C ILE A 36 5.64 -13.05 -1.86
N GLU A 37 6.31 -13.00 -0.71
CA GLU A 37 6.55 -11.78 -0.01
C GLU A 37 8.00 -11.46 -0.27
N ASP A 38 8.26 -10.27 -0.79
CA ASP A 38 9.63 -9.88 -1.01
C ASP A 38 9.71 -8.39 -1.22
N SER A 39 10.94 -7.89 -1.20
CA SER A 39 11.20 -6.48 -1.27
C SER A 39 11.81 -6.15 -2.61
N TYR A 40 11.44 -4.96 -3.11
CA TYR A 40 11.81 -4.48 -4.44
C TYR A 40 12.25 -3.00 -4.39
N ARG A 41 13.44 -2.72 -4.94
CA ARG A 41 14.07 -1.37 -5.00
C ARG A 41 14.13 -0.75 -6.41
N LYS A 42 13.85 0.55 -6.47
CA LYS A 42 13.77 1.26 -7.74
C LYS A 42 14.09 2.77 -7.57
N GLN A 43 14.90 3.37 -8.45
CA GLN A 43 15.12 4.85 -8.45
C GLN A 43 14.03 5.60 -9.20
N VAL A 44 13.57 6.70 -8.59
CA VAL A 44 12.53 7.53 -9.17
C VAL A 44 12.75 8.99 -8.84
N VAL A 45 11.75 9.79 -9.22
CA VAL A 45 11.79 11.22 -8.96
C VAL A 45 10.42 11.63 -8.45
N ILE A 46 10.42 12.23 -7.26
CA ILE A 46 9.20 12.69 -6.60
C ILE A 46 9.47 14.16 -6.17
N ASP A 47 8.86 15.17 -6.83
CA ASP A 47 9.01 16.63 -6.49
C ASP A 47 10.45 17.15 -6.67
N GLY A 48 11.07 16.68 -7.75
CA GLY A 48 12.45 16.99 -8.02
C GLY A 48 13.40 16.06 -7.29
N GLU A 49 12.89 15.19 -6.41
CA GLU A 49 13.82 14.42 -5.56
C GLU A 49 14.07 13.03 -6.13
N THR A 50 15.28 12.80 -6.64
CA THR A 50 15.64 11.44 -7.01
C THR A 50 15.76 10.63 -5.72
N CYS A 51 15.13 9.47 -5.70
CA CYS A 51 15.18 8.66 -4.51
C CYS A 51 15.00 7.20 -4.87
N LEU A 52 15.55 6.36 -4.01
CA LEU A 52 15.33 4.92 -4.11
C LEU A 52 14.18 4.47 -3.18
N LEU A 53 13.16 3.90 -3.79
CA LEU A 53 12.09 3.32 -3.02
C LEU A 53 12.48 1.89 -2.69
N ASP A 54 12.25 1.53 -1.44
CA ASP A 54 12.54 0.20 -0.91
C ASP A 54 11.16 -0.31 -0.51
N ILE A 55 10.65 -1.31 -1.21
CA ILE A 55 9.26 -1.60 -0.99
C ILE A 55 9.07 -3.05 -0.68
N LEU A 56 8.30 -3.29 0.38
CA LEU A 56 7.95 -4.63 0.83
C LEU A 56 6.54 -4.98 0.38
N ASP A 57 6.43 -5.97 -0.50
CA ASP A 57 5.17 -6.52 -0.98
C ASP A 57 4.80 -7.69 -0.09
N THR A 58 3.91 -7.47 0.88
CA THR A 58 3.65 -8.47 1.90
C THR A 58 2.57 -9.43 1.36
N ALA A 59 2.53 -10.65 1.91
CA ALA A 59 1.66 -11.67 1.33
C ALA A 59 0.81 -12.42 2.35
N GLY A 60 0.83 -11.99 3.61
CA GLY A 60 0.02 -12.64 4.65
C GLY A 60 0.80 -13.63 5.52
N GLN A 61 0.39 -13.77 6.78
CA GLN A 61 1.24 -14.41 7.79
C GLN A 61 1.08 -15.93 7.90
N GLU A 62 0.81 -16.43 9.10
CA GLU A 62 0.70 -17.86 9.30
C GLU A 62 2.08 -18.49 9.38
N GLU A 63 3.09 -17.69 9.69
CA GLU A 63 4.48 -18.18 9.73
C GLU A 63 5.48 -17.04 9.94
N TYR A 64 6.07 -17.00 11.14
CA TYR A 64 6.97 -15.90 11.50
C TYR A 64 8.09 -15.70 10.48
N SER A 65 8.38 -14.45 10.17
CA SER A 65 9.50 -14.09 9.32
C SER A 65 10.29 -12.95 9.92
N ALA A 66 11.59 -13.14 10.13
CA ALA A 66 12.45 -12.10 10.68
C ALA A 66 12.69 -10.99 9.66
N MET A 67 12.15 -11.16 8.45
CA MET A 67 12.32 -10.16 7.41
C MET A 67 11.09 -9.24 7.31
N ARG A 68 9.89 -9.81 7.42
CA ARG A 68 8.71 -8.97 7.45
C ARG A 68 8.67 -8.21 8.77
N ASP A 69 9.01 -8.90 9.84
CA ASP A 69 8.95 -8.31 11.17
C ASP A 69 9.78 -7.02 11.20
N GLN A 70 11.01 -7.09 10.69
CA GLN A 70 11.92 -5.94 10.69
C GLN A 70 11.39 -4.81 9.80
N TYR A 71 11.19 -5.09 8.52
CA TYR A 71 10.70 -4.06 7.60
C TYR A 71 9.54 -3.31 8.22
N MET A 72 8.71 -4.04 8.96
CA MET A 72 7.57 -3.45 9.65
C MET A 72 8.02 -2.46 10.70
N ARG A 73 8.66 -2.99 11.72
CA ARG A 73 9.01 -2.18 12.87
C ARG A 73 9.66 -0.91 12.35
N THR A 74 10.43 -1.04 11.28
CA THR A 74 11.24 0.05 10.79
C THR A 74 10.65 0.71 9.53
N GLY A 75 9.61 0.11 8.94
CA GLY A 75 8.98 0.70 7.76
C GLY A 75 8.83 2.18 7.99
N GLU A 76 8.93 2.98 6.94
CA GLU A 76 8.69 4.39 7.16
C GLU A 76 7.25 4.76 6.91
N GLY A 77 6.59 4.03 6.03
CA GLY A 77 5.22 4.31 5.69
C GLY A 77 4.58 3.10 5.06
N PHE A 78 3.27 3.12 5.03
CA PHE A 78 2.51 1.94 4.71
C PHE A 78 1.37 2.30 3.77
N LEU A 79 1.12 1.44 2.77
CA LEU A 79 -0.14 1.48 2.04
C LEU A 79 -1.02 0.39 2.62
N CYS A 80 -2.23 0.76 3.00
CA CYS A 80 -3.23 -0.21 3.37
C CYS A 80 -4.18 -0.35 2.16
N VAL A 81 -4.04 -1.45 1.40
CA VAL A 81 -4.76 -1.65 0.13
C VAL A 81 -5.98 -2.55 0.35
N PHE A 82 -7.11 -2.13 -0.23
CA PHE A 82 -8.26 -3.02 -0.40
C PHE A 82 -8.68 -2.95 -1.88
N ALA A 83 -9.63 -3.83 -2.23
CA ALA A 83 -10.18 -3.86 -3.58
C ALA A 83 -11.59 -3.24 -3.59
N ILE A 84 -11.88 -2.40 -4.57
CA ILE A 84 -13.17 -1.69 -4.56
C ILE A 84 -14.34 -2.62 -4.85
N ASN A 85 -14.05 -3.88 -5.21
CA ASN A 85 -15.09 -4.87 -5.42
C ASN A 85 -14.96 -6.05 -4.47
N ASN A 86 -14.41 -5.82 -3.28
CA ASN A 86 -14.29 -6.86 -2.26
C ASN A 86 -14.58 -6.21 -0.92
N THR A 87 -15.84 -6.25 -0.54
CA THR A 87 -16.27 -5.57 0.66
C THR A 87 -15.52 -6.03 1.90
N LYS A 88 -15.30 -7.33 2.03
CA LYS A 88 -14.57 -7.87 3.16
C LYS A 88 -13.17 -7.25 3.26
N SER A 89 -12.51 -7.06 2.12
CA SER A 89 -11.16 -6.53 2.18
C SER A 89 -11.17 -5.10 2.75
N PHE A 90 -12.23 -4.36 2.54
CA PHE A 90 -12.37 -3.04 3.13
C PHE A 90 -12.68 -3.17 4.62
N GLU A 91 -13.54 -4.12 4.97
CA GLU A 91 -13.85 -4.32 6.38
C GLU A 91 -12.64 -4.81 7.18
N ASP A 92 -11.65 -5.39 6.50
CA ASP A 92 -10.38 -5.87 7.11
C ASP A 92 -9.31 -4.80 7.31
N ILE A 93 -9.54 -3.61 6.77
CA ILE A 93 -8.55 -2.53 6.81
C ILE A 93 -8.26 -2.18 8.25
N HIS A 94 -9.28 -2.10 9.09
CA HIS A 94 -9.02 -1.67 10.46
C HIS A 94 -7.92 -2.52 11.10
N GLN A 95 -8.02 -3.85 10.98
CA GLN A 95 -7.06 -4.73 11.62
C GLN A 95 -5.68 -4.61 11.03
N TYR A 96 -5.58 -4.37 9.72
CA TYR A 96 -4.26 -4.05 9.17
C TYR A 96 -3.72 -2.76 9.80
N ARG A 97 -4.58 -1.77 9.98
CA ARG A 97 -4.13 -0.53 10.60
C ARG A 97 -3.74 -0.77 12.06
N GLU A 98 -4.48 -1.60 12.77
CA GLU A 98 -4.14 -1.85 14.15
C GLU A 98 -2.77 -2.50 14.24
N GLN A 99 -2.55 -3.51 13.40
CA GLN A 99 -1.27 -4.22 13.36
C GLN A 99 -0.09 -3.28 13.31
N ILE A 100 -0.10 -2.40 12.31
CA ILE A 100 1.01 -1.50 12.04
C ILE A 100 1.28 -0.66 13.29
N LYS A 101 0.22 -0.10 13.85
CA LYS A 101 0.36 0.74 15.05
C LYS A 101 0.97 -0.06 16.20
N ARG A 102 0.55 -1.31 16.35
CA ARG A 102 1.05 -2.13 17.43
C ARG A 102 2.56 -2.32 17.32
N VAL A 103 3.03 -2.65 16.13
CA VAL A 103 4.45 -2.92 15.95
C VAL A 103 5.28 -1.64 15.97
N LYS A 104 4.83 -0.63 15.23
CA LYS A 104 5.54 0.64 15.25
C LYS A 104 5.52 1.22 16.67
N ASP A 105 4.72 0.61 17.54
CA ASP A 105 4.46 1.15 18.87
C ASP A 105 4.11 2.63 18.77
N SER A 106 3.22 2.94 17.83
CA SER A 106 2.85 4.33 17.59
C SER A 106 1.50 4.47 16.94
N ASP A 107 0.79 5.52 17.35
CA ASP A 107 -0.52 5.94 16.85
C ASP A 107 -0.38 6.82 15.63
N ASP A 108 0.85 7.20 15.35
CA ASP A 108 1.11 8.21 14.33
C ASP A 108 2.13 7.66 13.36
N VAL A 109 1.63 6.89 12.38
CA VAL A 109 2.50 6.26 11.40
C VAL A 109 2.08 6.72 10.00
N PRO A 110 3.02 7.15 9.14
CA PRO A 110 2.73 7.56 7.75
C PRO A 110 2.03 6.44 6.95
N MET A 111 0.94 6.77 6.23
CA MET A 111 0.06 5.74 5.70
C MET A 111 -0.92 6.37 4.70
N VAL A 112 -1.20 5.63 3.60
CA VAL A 112 -2.27 5.98 2.64
C VAL A 112 -3.22 4.79 2.49
N LEU A 113 -4.53 5.07 2.60
CA LEU A 113 -5.56 4.07 2.29
C LEU A 113 -5.74 4.03 0.77
N VAL A 114 -5.65 2.83 0.21
CA VAL A 114 -5.65 2.62 -1.22
C VAL A 114 -6.83 1.73 -1.64
N GLY A 115 -7.77 2.31 -2.38
CA GLY A 115 -8.87 1.50 -2.96
C GLY A 115 -8.48 1.11 -4.37
N ASN A 116 -8.10 -0.15 -4.57
CA ASN A 116 -7.55 -0.61 -5.83
C ASN A 116 -8.66 -1.27 -6.70
N LYS A 117 -8.29 -1.51 -7.95
CA LYS A 117 -9.13 -2.16 -9.00
C LYS A 117 -10.16 -1.19 -9.59
N SER A 118 -9.78 0.09 -9.73
CA SER A 118 -10.74 1.13 -10.20
C SER A 118 -11.12 1.04 -11.69
N ASP A 119 -10.46 0.15 -12.41
CA ASP A 119 -10.82 -0.10 -13.81
C ASP A 119 -12.07 -0.97 -13.93
N LEU A 120 -12.49 -1.62 -12.83
CA LEU A 120 -13.63 -2.55 -12.82
C LEU A 120 -15.00 -1.92 -12.48
N ALA A 121 -16.04 -2.46 -13.12
CA ALA A 121 -17.44 -2.10 -12.85
C ALA A 121 -17.94 -2.82 -11.62
N ALA A 122 -19.16 -2.48 -11.22
CA ALA A 122 -19.84 -3.16 -10.12
C ALA A 122 -19.02 -3.15 -8.84
N ARG A 123 -18.48 -1.98 -8.52
CA ARG A 123 -17.80 -1.83 -7.23
C ARG A 123 -18.79 -2.03 -6.09
N THR A 124 -18.26 -2.45 -4.93
CA THR A 124 -19.07 -2.66 -3.75
C THR A 124 -18.68 -1.74 -2.57
N VAL A 125 -17.51 -1.10 -2.66
CA VAL A 125 -17.06 -0.18 -1.63
C VAL A 125 -17.06 1.20 -2.25
N GLU A 126 -17.85 2.11 -1.69
CA GLU A 126 -18.06 3.41 -2.30
C GLU A 126 -16.89 4.35 -1.95
N SER A 127 -16.56 5.24 -2.85
CA SER A 127 -15.59 6.25 -2.49
C SER A 127 -15.94 6.94 -1.17
N ARG A 128 -17.22 7.25 -0.92
CA ARG A 128 -17.55 8.02 0.29
C ARG A 128 -17.27 7.23 1.58
N GLN A 129 -17.44 5.92 1.52
CA GLN A 129 -17.20 5.08 2.68
C GLN A 129 -15.71 4.96 2.97
N ALA A 130 -14.92 4.77 1.93
CA ALA A 130 -13.49 4.70 2.13
C ALA A 130 -12.90 6.04 2.55
N GLN A 131 -13.41 7.15 2.00
CA GLN A 131 -12.96 8.49 2.38
C GLN A 131 -13.36 8.86 3.83
N ASP A 132 -14.54 8.42 4.26
CA ASP A 132 -14.93 8.66 5.62
C ASP A 132 -13.93 7.97 6.53
N LEU A 133 -13.55 6.77 6.15
CA LEU A 133 -12.61 6.00 6.93
C LEU A 133 -11.27 6.72 6.98
N ALA A 134 -10.73 7.09 5.82
CA ALA A 134 -9.42 7.75 5.76
C ALA A 134 -9.49 8.96 6.67
N ARG A 135 -10.67 9.51 6.78
CA ARG A 135 -10.83 10.56 7.72
C ARG A 135 -10.60 10.01 9.15
N SER A 136 -11.19 8.86 9.47
CA SER A 136 -11.15 8.41 10.84
C SER A 136 -9.76 8.00 11.27
N TYR A 137 -8.89 7.70 10.30
CA TYR A 137 -7.49 7.39 10.57
C TYR A 137 -6.54 8.58 10.45
N GLY A 138 -7.01 9.68 9.91
CA GLY A 138 -6.16 10.83 9.65
C GLY A 138 -5.19 10.69 8.48
N ILE A 139 -5.60 9.98 7.41
CA ILE A 139 -4.71 9.65 6.30
C ILE A 139 -5.29 10.00 4.90
N PRO A 140 -4.44 10.16 3.86
CA PRO A 140 -4.99 10.28 2.52
C PRO A 140 -5.69 8.99 2.04
N TYR A 141 -6.53 9.17 1.03
CA TYR A 141 -7.23 8.06 0.37
C TYR A 141 -7.09 8.25 -1.13
N ILE A 142 -6.45 7.26 -1.78
CA ILE A 142 -6.25 7.27 -3.22
C ILE A 142 -6.92 6.03 -3.84
N GLU A 143 -7.59 6.21 -4.98
CA GLU A 143 -8.05 5.04 -5.74
C GLU A 143 -7.05 4.76 -6.84
N THR A 144 -6.81 3.48 -7.09
CA THR A 144 -5.80 3.07 -8.04
C THR A 144 -6.34 1.97 -8.96
N SER A 145 -5.60 1.75 -10.05
CA SER A 145 -5.74 0.58 -10.89
C SER A 145 -4.35 0.12 -11.24
N ALA A 146 -4.00 -1.03 -10.72
CA ALA A 146 -2.76 -1.63 -11.14
C ALA A 146 -2.80 -2.02 -12.62
N LYS A 147 -3.99 -2.18 -13.20
CA LYS A 147 -4.10 -2.51 -14.62
C LYS A 147 -3.89 -1.31 -15.57
N THR A 148 -4.67 -0.22 -15.37
CA THR A 148 -4.56 0.96 -16.25
C THR A 148 -3.36 1.82 -15.81
N ARG A 149 -2.90 1.59 -14.57
CA ARG A 149 -1.87 2.38 -13.89
C ARG A 149 -2.45 3.69 -13.30
N GLN A 150 -3.76 3.94 -13.46
CA GLN A 150 -4.46 5.08 -12.82
C GLN A 150 -4.07 5.14 -11.36
N GLY A 151 -3.59 6.28 -10.91
CA GLY A 151 -3.41 6.51 -9.49
C GLY A 151 -2.21 5.86 -8.85
N VAL A 152 -1.47 5.02 -9.58
CA VAL A 152 -0.43 4.24 -8.95
C VAL A 152 0.65 5.17 -8.38
N GLU A 153 1.04 6.21 -9.13
CA GLU A 153 2.03 7.18 -8.67
C GLU A 153 1.46 8.09 -7.59
N ASP A 154 0.23 8.53 -7.75
CA ASP A 154 -0.35 9.34 -6.71
C ASP A 154 -0.20 8.62 -5.41
N ALA A 155 -0.59 7.35 -5.36
CA ALA A 155 -0.58 6.63 -4.10
C ALA A 155 0.82 6.45 -3.46
N PHE A 156 1.80 5.92 -4.20
CA PHE A 156 3.13 5.73 -3.62
C PHE A 156 3.84 7.09 -3.38
N TYR A 157 3.69 8.06 -4.28
CA TYR A 157 4.30 9.41 -4.09
C TYR A 157 3.67 10.08 -2.89
N THR A 158 2.35 9.95 -2.75
CA THR A 158 1.64 10.53 -1.61
C THR A 158 2.16 9.93 -0.31
N LEU A 159 2.45 8.64 -0.32
CA LEU A 159 3.00 8.05 0.90
C LEU A 159 4.38 8.62 1.19
N VAL A 160 5.21 8.79 0.16
CA VAL A 160 6.49 9.39 0.41
C VAL A 160 6.36 10.80 1.02
N ARG A 161 5.41 11.60 0.54
CA ARG A 161 5.14 12.92 1.12
C ARG A 161 4.73 12.83 2.60
N GLU A 162 3.83 11.91 2.91
CA GLU A 162 3.42 11.72 4.29
C GLU A 162 4.67 11.49 5.14
N ILE A 163 5.58 10.70 4.63
CA ILE A 163 6.83 10.42 5.35
C ILE A 163 7.67 11.70 5.58
N ARG A 164 7.86 12.48 4.53
CA ARG A 164 8.70 13.67 4.64
C ARG A 164 8.18 14.54 5.78
N GLN A 165 6.87 14.50 6.01
CA GLN A 165 6.20 15.35 6.98
C GLN A 165 6.27 14.81 8.42
N HIS A 166 6.63 13.55 8.61
CA HIS A 166 6.40 12.87 9.90
C HIS A 166 7.12 13.50 11.06
MG MG B . 0.94 -10.63 -3.71
PB GDP C . -2.23 -9.57 -3.67
O1B GDP C . -2.85 -8.41 -2.90
O2B GDP C . -0.75 -9.43 -3.94
O3B GDP C . -2.60 -10.91 -3.01
O3A GDP C . -3.03 -9.55 -5.09
PA GDP C . -2.43 -9.64 -6.57
O1A GDP C . -1.74 -10.92 -6.94
O2A GDP C . -1.58 -8.44 -6.93
O5' GDP C . -3.80 -9.50 -7.39
C5' GDP C . -4.76 -10.54 -7.39
C4' GDP C . -5.51 -10.61 -8.73
O4' GDP C . -6.18 -9.36 -8.99
C3' GDP C . -4.59 -10.80 -9.94
O3' GDP C . -5.23 -11.70 -10.87
C2' GDP C . -4.42 -9.42 -10.51
O2' GDP C . -4.24 -9.42 -11.93
C1' GDP C . -5.75 -8.77 -10.23
N9 GDP C . -5.65 -7.30 -10.11
C8 GDP C . -4.84 -6.62 -9.27
N7 GDP C . -5.00 -5.29 -9.35
C5 GDP C . -5.95 -5.11 -10.30
C6 GDP C . -6.57 -3.93 -10.89
O6 GDP C . -6.30 -2.75 -10.53
N1 GDP C . -7.49 -4.24 -11.84
C2 GDP C . -7.81 -5.49 -12.24
N2 GDP C . -8.74 -5.57 -13.19
N3 GDP C . -7.30 -6.62 -11.74
C4 GDP C . -6.36 -6.43 -10.79
C1 XY2 D . 8.17 -6.84 -8.06
C2 XY2 D . 9.27 -7.06 -8.89
C3 XY2 D . 9.60 -8.38 -9.31
C19 XY2 D . 3.68 -12.27 -7.11
C17 XY2 D . 5.15 -12.64 -7.02
O18 XY2 D . 5.45 -13.69 -6.47
N15 XY2 D . 6.04 -11.78 -7.53
C16 XY2 D . 5.55 -10.55 -8.16
C14 XY2 D . 7.51 -12.03 -7.46
C13 XY2 D . 8.23 -11.99 -8.83
N11 XY2 D . 9.05 -10.81 -9.22
C12 XY2 D . 10.18 -11.12 -10.10
N5 XY2 D . 10.13 -6.16 -9.41
O6 XY2 D . 11.04 -6.95 -10.17
N7 XY2 D . 10.69 -8.33 -10.10
N8 XY2 D . 7.78 -5.56 -7.61
O10 XY2 D . 7.83 -4.61 -8.39
O9 XY2 D . 7.36 -5.39 -6.48
C21 XY2 D . 7.42 -7.90 -7.65
C20 XY2 D . 7.76 -9.17 -8.06
C4 XY2 D . 8.81 -9.48 -8.88
#